data_1Z83
#
_entry.id   1Z83
#
_cell.length_a   126.194
_cell.length_b   46.259
_cell.length_c   119.576
_cell.angle_alpha   90.00
_cell.angle_beta   116.01
_cell.angle_gamma   90.00
#
_symmetry.space_group_name_H-M   'C 1 2 1'
#
loop_
_entity.id
_entity.type
_entity.pdbx_description
1 polymer 'Adenylate kinase 1'
2 non-polymer 'ZINC ION'
3 non-polymer 'SULFATE ION'
4 non-polymer "BIS(ADENOSINE)-5'-PENTAPHOSPHATE"
5 water water
#
_entity_poly.entity_id   1
_entity_poly.type   'polypeptide(L)'
_entity_poly.pdbx_seq_one_letter_code
;SMEEKLKKTNIIFVVGGPGSGKGTQCEKIVQKYGYTHLSTGDLLRSEVSSGSARGKKLSEIMEKGQLVPLETVLDMLRDA
MVAKVNTSKGFLIDGYPREVQQGEEFERRIGQPTLLLYVDAGPETMTQRLLKRGETSGRVDDNEETIKKRLETYYKATEP
VIAFYEKRGIVRKVNAEGSVDSVFSQVCTHLDALLN
;
_entity_poly.pdbx_strand_id   A,B,C
#
# COMPACT_ATOMS: atom_id res chain seq x y z
N SER A 1 20.14 7.65 -11.18
CA SER A 1 19.23 6.78 -10.36
C SER A 1 18.90 7.55 -9.11
N MET A 2 17.77 7.21 -8.49
CA MET A 2 17.33 7.96 -7.31
C MET A 2 18.35 7.77 -6.22
N GLU A 3 18.96 6.58 -6.16
CA GLU A 3 19.96 6.29 -5.11
C GLU A 3 21.24 7.16 -5.27
N GLU A 4 21.68 7.37 -6.50
CA GLU A 4 22.76 8.33 -6.77
C GLU A 4 22.41 9.78 -6.33
N LYS A 5 21.19 10.22 -6.63
CA LYS A 5 20.74 11.55 -6.14
C LYS A 5 20.77 11.64 -4.59
N LEU A 6 20.34 10.58 -3.93
CA LEU A 6 20.35 10.48 -2.48
C LEU A 6 21.76 10.66 -1.90
N LYS A 7 22.75 10.06 -2.55
CA LYS A 7 24.12 10.13 -2.08
C LYS A 7 24.75 11.51 -2.25
N LYS A 8 24.22 12.36 -3.13
CA LYS A 8 24.80 13.70 -3.27
C LYS A 8 24.00 14.83 -2.58
N THR A 9 23.05 14.49 -1.73
CA THR A 9 22.23 15.47 -1.00
C THR A 9 22.65 15.47 0.46
N ASN A 10 22.66 16.63 1.13
CA ASN A 10 23.04 16.70 2.53
C ASN A 10 22.00 15.99 3.39
N ILE A 11 22.46 15.21 4.37
CA ILE A 11 21.58 14.48 5.28
C ILE A 11 21.98 14.87 6.68
N ILE A 12 21.04 15.47 7.43
CA ILE A 12 21.25 15.89 8.81
C ILE A 12 20.36 15.10 9.72
N PHE A 13 20.96 14.25 10.55
CA PHE A 13 20.25 13.56 11.60
C PHE A 13 19.98 14.55 12.75
N VAL A 14 18.71 14.76 13.11
CA VAL A 14 18.38 15.56 14.31
C VAL A 14 18.03 14.58 15.45
N VAL A 15 18.83 14.59 16.51
CA VAL A 15 18.72 13.55 17.58
C VAL A 15 18.54 14.26 18.93
N GLY A 16 17.70 13.67 19.78
CA GLY A 16 17.38 14.25 21.08
C GLY A 16 16.18 13.61 21.73
N GLY A 17 15.99 13.86 23.02
CA GLY A 17 14.99 13.12 23.78
C GLY A 17 13.57 13.53 23.49
N PRO A 18 12.62 12.82 24.09
CA PRO A 18 11.21 13.15 23.86
C PRO A 18 10.84 14.53 24.42
N GLY A 19 10.44 15.45 23.55
CA GLY A 19 10.09 16.76 23.97
C GLY A 19 11.31 17.70 24.05
N SER A 20 12.46 17.32 23.49
CA SER A 20 13.63 18.16 23.54
C SER A 20 13.46 19.44 22.68
N GLY A 21 12.52 19.42 21.75
CA GLY A 21 12.31 20.53 20.79
C GLY A 21 12.76 20.30 19.35
N LYS A 22 12.93 19.03 18.96
CA LYS A 22 13.38 18.68 17.58
C LYS A 22 12.46 19.25 16.48
N GLY A 23 11.14 18.99 16.53
CA GLY A 23 10.22 19.55 15.50
C GLY A 23 10.22 21.07 15.43
N THR A 24 10.12 21.70 16.60
CA THR A 24 10.16 23.13 16.75
C THR A 24 11.35 23.74 16.03
N GLN A 25 12.55 23.22 16.31
CA GLN A 25 13.78 23.69 15.66
C GLN A 25 13.81 23.34 14.17
N CYS A 26 13.41 22.12 13.81
CA CYS A 26 13.37 21.78 12.39
C CYS A 26 12.53 22.76 11.56
N GLU A 27 11.39 23.25 12.07
CA GLU A 27 10.52 24.11 11.27
C GLU A 27 11.21 25.46 11.10
N LYS A 28 12.01 25.87 12.08
CA LYS A 28 12.84 27.09 11.93
C LYS A 28 13.92 26.97 10.84
N ILE A 29 14.56 25.81 10.82
CA ILE A 29 15.62 25.50 9.87
C ILE A 29 15.04 25.45 8.47
N VAL A 30 13.88 24.83 8.36
CA VAL A 30 13.21 24.71 7.09
C VAL A 30 12.91 26.10 6.56
N GLN A 31 12.41 26.97 7.44
CA GLN A 31 12.10 28.38 7.01
C GLN A 31 13.31 29.18 6.55
N LYS A 32 14.44 29.00 7.24
CA LYS A 32 15.66 29.79 6.95
C LYS A 32 16.54 29.20 5.84
N TYR A 33 16.75 27.88 5.88
CA TYR A 33 17.66 27.14 4.98
C TYR A 33 16.96 26.34 3.81
N GLY A 34 15.63 26.14 3.85
CA GLY A 34 14.88 25.50 2.75
C GLY A 34 14.98 23.98 2.65
N TYR A 35 15.47 23.35 3.71
CA TYR A 35 15.65 21.91 3.79
C TYR A 35 14.29 21.15 3.87
N THR A 36 14.35 19.83 3.67
CA THR A 36 13.17 18.98 3.65
C THR A 36 13.11 18.29 4.99
N HIS A 37 12.00 18.46 5.73
CA HIS A 37 11.91 17.92 7.09
C HIS A 37 11.04 16.66 7.06
N LEU A 38 11.59 15.56 7.56
CA LEU A 38 10.92 14.30 7.69
C LEU A 38 11.05 13.80 9.11
N SER A 39 9.90 13.61 9.77
CA SER A 39 9.84 13.05 11.13
C SER A 39 9.24 11.66 11.04
N THR A 40 9.95 10.62 11.52
CA THR A 40 9.41 9.28 11.50
C THR A 40 8.14 9.14 12.36
N GLY A 41 8.07 9.84 13.47
CA GLY A 41 6.84 9.89 14.30
C GLY A 41 5.66 10.48 13.55
N ASP A 42 5.88 11.58 12.81
CA ASP A 42 4.83 12.10 11.96
C ASP A 42 4.36 11.07 10.92
N LEU A 43 5.30 10.40 10.28
CA LEU A 43 4.95 9.51 9.21
C LEU A 43 4.18 8.34 9.78
N LEU A 44 4.60 7.89 10.95
CA LEU A 44 3.88 6.83 11.65
C LEU A 44 2.47 7.25 12.03
N ARG A 45 2.31 8.41 12.66
CA ARG A 45 0.97 8.84 13.05
C ARG A 45 0.05 9.04 11.82
N SER A 46 0.63 9.36 10.65
CA SER A 46 -0.16 9.46 9.41
CA SER A 46 -0.15 9.47 9.40
C SER A 46 -0.72 8.09 9.02
N GLU A 47 0.03 7.03 9.23
CA GLU A 47 -0.48 5.69 8.98
C GLU A 47 -1.54 5.33 10.02
N VAL A 48 -1.32 5.66 11.29
CA VAL A 48 -2.32 5.44 12.32
C VAL A 48 -3.64 6.12 11.94
N SER A 49 -3.55 7.34 11.42
CA SER A 49 -4.74 8.12 11.00
C SER A 49 -5.61 7.48 9.95
N SER A 50 -5.07 6.52 9.21
CA SER A 50 -5.85 5.77 8.22
C SER A 50 -6.92 4.91 8.89
N GLY A 51 -6.73 4.57 10.15
CA GLY A 51 -7.65 3.70 10.85
C GLY A 51 -7.43 2.23 10.52
N SER A 52 -6.34 1.89 9.83
CA SER A 52 -6.10 0.51 9.38
C SER A 52 -5.69 -0.41 10.52
N ALA A 53 -5.80 -1.72 10.30
CA ALA A 53 -5.29 -2.72 11.27
C ALA A 53 -3.80 -2.54 11.56
N ARG A 54 -3.03 -2.29 10.51
CA ARG A 54 -1.62 -2.08 10.62
C ARG A 54 -1.36 -0.87 11.51
N GLY A 55 -2.10 0.20 11.22
CA GLY A 55 -2.10 1.42 12.02
C GLY A 55 -2.40 1.19 13.50
N LYS A 56 -3.37 0.35 13.80
CA LYS A 56 -3.70 0.11 15.22
C LYS A 56 -2.55 -0.59 15.95
N LYS A 57 -1.89 -1.54 15.30
CA LYS A 57 -0.75 -2.22 15.93
C LYS A 57 0.40 -1.27 16.16
N LEU A 58 0.66 -0.36 15.23
CA LEU A 58 1.68 0.66 15.40
C LEU A 58 1.34 1.62 16.54
N SER A 59 0.10 2.09 16.59
CA SER A 59 -0.34 2.98 17.66
C SER A 59 -0.19 2.32 19.05
N GLU A 60 -0.49 1.03 19.15
CA GLU A 60 -0.38 0.34 20.44
C GLU A 60 1.09 0.27 20.93
N ILE A 61 2.03 0.32 19.98
CA ILE A 61 3.45 0.34 20.31
C ILE A 61 3.90 1.74 20.70
N MET A 62 3.34 2.75 20.04
CA MET A 62 3.74 4.13 20.29
C MET A 62 3.13 4.66 21.59
N GLU A 63 2.04 4.04 22.02
CA GLU A 63 1.37 4.43 23.25
C GLU A 63 2.02 3.77 24.46
N LYS A 64 2.95 2.86 24.20
CA LYS A 64 3.81 2.31 25.26
C LYS A 64 5.21 2.93 25.26
N GLY A 65 5.42 3.88 24.38
CA GLY A 65 6.71 4.57 24.23
C GLY A 65 7.83 3.64 23.78
N GLN A 66 7.48 2.60 23.04
CA GLN A 66 8.47 1.65 22.51
C GLN A 66 8.76 1.90 21.06
N LEU A 67 9.88 1.37 20.59
CA LEU A 67 10.26 1.43 19.18
C LEU A 67 9.48 0.46 18.31
N VAL A 68 8.95 0.97 17.22
CA VAL A 68 8.30 0.23 16.12
CA VAL A 68 8.29 0.11 16.24
C VAL A 68 9.38 -0.61 15.45
N PRO A 69 9.00 -1.71 14.77
CA PRO A 69 10.01 -2.47 13.98
C PRO A 69 10.81 -1.67 12.98
N LEU A 70 12.14 -1.91 12.97
CA LEU A 70 13.09 -1.23 12.08
C LEU A 70 12.62 -1.23 10.63
N GLU A 71 12.26 -2.39 10.09
CA GLU A 71 11.83 -2.42 8.67
C GLU A 71 10.69 -1.44 8.34
N THR A 72 9.68 -1.41 9.21
CA THR A 72 8.46 -0.64 9.01
C THR A 72 8.83 0.83 8.90
N VAL A 73 9.62 1.31 9.87
CA VAL A 73 10.00 2.72 9.85
C VAL A 73 11.03 3.08 8.75
N LEU A 74 12.02 2.21 8.51
CA LEU A 74 13.00 2.54 7.46
C LEU A 74 12.36 2.49 6.05
N ASP A 75 11.50 1.49 5.82
CA ASP A 75 10.77 1.48 4.55
C ASP A 75 10.00 2.80 4.29
N MET A 76 9.23 3.25 5.30
CA MET A 76 8.45 4.49 5.20
C MET A 76 9.32 5.73 4.98
N LEU A 77 10.38 5.82 5.75
CA LEU A 77 11.36 6.87 5.64
C LEU A 77 12.05 6.93 4.30
N ARG A 78 12.52 5.78 3.80
CA ARG A 78 13.17 5.74 2.48
C ARG A 78 12.23 6.13 1.35
N ASP A 79 11.01 5.58 1.35
CA ASP A 79 9.99 5.92 0.37
C ASP A 79 9.73 7.45 0.31
N ALA A 80 9.66 8.07 1.50
CA ALA A 80 9.38 9.50 1.63
C ALA A 80 10.56 10.31 1.16
N MET A 81 11.79 9.84 1.42
CA MET A 81 12.96 10.56 0.91
C MET A 81 13.05 10.47 -0.61
N VAL A 82 12.81 9.28 -1.17
CA VAL A 82 12.86 9.11 -2.66
C VAL A 82 11.83 9.99 -3.42
N ALA A 83 10.66 10.18 -2.80
CA ALA A 83 9.62 11.12 -3.30
C ALA A 83 10.05 12.59 -3.45
N LYS A 84 10.98 13.05 -2.61
CA LYS A 84 11.33 14.46 -2.52
C LYS A 84 12.75 14.81 -2.97
N VAL A 85 13.58 13.80 -3.20
CA VAL A 85 15.01 14.04 -3.43
C VAL A 85 15.27 14.90 -4.65
N ASN A 86 14.48 14.71 -5.71
CA ASN A 86 14.74 15.40 -6.95
CA ASN A 86 14.69 15.41 -6.97
C ASN A 86 14.68 16.93 -6.85
N THR A 87 13.94 17.45 -5.89
CA THR A 87 13.89 18.91 -5.69
C THR A 87 14.38 19.36 -4.30
N SER A 88 14.91 18.44 -3.51
CA SER A 88 15.32 18.77 -2.16
C SER A 88 16.65 19.56 -2.10
N LYS A 89 16.72 20.54 -1.19
CA LYS A 89 17.96 21.28 -0.91
C LYS A 89 18.80 20.57 0.14
N GLY A 90 18.29 19.47 0.65
CA GLY A 90 18.86 18.81 1.82
C GLY A 90 17.76 18.30 2.73
N PHE A 91 18.10 17.26 3.50
CA PHE A 91 17.19 16.60 4.43
C PHE A 91 17.50 16.75 5.93
N LEU A 92 16.46 17.06 6.71
CA LEU A 92 16.49 16.96 8.17
C LEU A 92 15.67 15.72 8.59
N ILE A 93 16.37 14.75 9.13
CA ILE A 93 15.82 13.47 9.53
C ILE A 93 15.70 13.47 11.11
N ASP A 94 14.45 13.64 11.55
CA ASP A 94 14.08 13.98 12.93
C ASP A 94 13.53 12.71 13.56
N GLY A 95 14.21 12.19 14.59
CA GLY A 95 13.74 11.00 15.26
C GLY A 95 14.08 9.66 14.64
N TYR A 96 14.98 9.67 13.68
CA TYR A 96 15.61 8.47 13.10
C TYR A 96 17.07 8.84 12.85
N PRO A 97 18.03 8.01 13.28
CA PRO A 97 17.89 6.71 13.97
C PRO A 97 17.70 6.76 15.46
N ARG A 98 17.05 5.71 16.00
CA ARG A 98 16.80 5.61 17.44
C ARG A 98 17.62 4.53 18.12
N GLU A 99 18.38 3.76 17.34
CA GLU A 99 19.27 2.74 17.87
C GLU A 99 20.43 2.59 16.87
N VAL A 100 21.55 2.04 17.30
CA VAL A 100 22.71 1.95 16.39
C VAL A 100 22.40 1.13 15.15
N GLN A 101 21.65 0.05 15.32
CA GLN A 101 21.25 -0.80 14.16
C GLN A 101 20.44 -0.01 13.12
N GLN A 102 19.60 0.94 13.61
CA GLN A 102 18.85 1.82 12.70
C GLN A 102 19.77 2.70 11.85
N GLY A 103 20.86 3.19 12.43
CA GLY A 103 21.85 3.97 11.69
C GLY A 103 22.61 3.13 10.68
N GLU A 104 23.01 1.92 11.06
CA GLU A 104 23.72 1.03 10.14
C GLU A 104 22.84 0.67 8.91
N GLU A 105 21.57 0.37 9.14
CA GLU A 105 20.67 0.01 8.04
C GLU A 105 20.39 1.17 7.10
N PHE A 106 20.31 2.37 7.67
CA PHE A 106 20.12 3.62 6.88
C PHE A 106 21.27 3.81 5.90
N GLU A 107 22.50 3.66 6.40
CA GLU A 107 23.71 3.86 5.59
C GLU A 107 23.81 2.80 4.50
N ARG A 108 23.39 1.56 4.81
CA ARG A 108 23.35 0.45 3.86
C ARG A 108 22.32 0.63 2.72
N ARG A 109 21.14 1.17 3.01
CA ARG A 109 20.07 1.39 1.99
C ARG A 109 19.99 2.80 1.39
N ILE A 110 20.57 3.81 2.07
CA ILE A 110 20.50 5.20 1.64
C ILE A 110 21.91 5.83 1.56
N GLY A 111 22.51 6.19 2.69
CA GLY A 111 23.93 6.53 2.75
C GLY A 111 24.30 7.19 4.07
N GLN A 112 25.56 7.53 4.23
CA GLN A 112 26.04 8.14 5.47
C GLN A 112 25.52 9.58 5.71
N PRO A 113 25.29 9.94 6.99
CA PRO A 113 24.88 11.29 7.34
C PRO A 113 26.02 12.30 7.15
N THR A 114 25.67 13.52 6.76
CA THR A 114 26.61 14.62 6.66
C THR A 114 26.86 15.28 8.02
N LEU A 115 25.82 15.32 8.85
CA LEU A 115 25.87 15.99 10.15
C LEU A 115 24.87 15.36 11.13
N LEU A 116 25.14 15.50 12.44
CA LEU A 116 24.20 15.09 13.44
C LEU A 116 24.02 16.28 14.38
N LEU A 117 22.81 16.84 14.40
CA LEU A 117 22.47 17.94 15.30
C LEU A 117 21.84 17.34 16.57
N TYR A 118 22.54 17.49 17.68
CA TYR A 118 22.17 16.96 18.99
C TYR A 118 21.49 18.05 19.86
N VAL A 119 20.18 17.93 19.99
CA VAL A 119 19.32 18.76 20.82
C VAL A 119 19.25 18.18 22.25
N ASP A 120 20.06 18.75 23.15
CA ASP A 120 20.30 18.16 24.47
C ASP A 120 19.51 18.90 25.54
N ALA A 121 18.42 18.28 25.99
CA ALA A 121 17.62 18.80 27.09
C ALA A 121 17.62 17.85 28.29
N GLY A 122 17.38 18.41 29.48
CA GLY A 122 17.31 17.61 30.70
C GLY A 122 15.96 16.90 30.82
N PRO A 123 15.90 15.80 31.57
CA PRO A 123 14.65 15.03 31.65
C PRO A 123 13.46 15.69 32.33
N GLU A 124 13.70 16.59 33.27
CA GLU A 124 12.59 17.37 33.85
C GLU A 124 12.04 18.43 32.89
N THR A 125 12.94 19.03 32.13
CA THR A 125 12.52 19.96 31.07
C THR A 125 11.57 19.31 30.04
N MET A 126 12.00 18.15 29.58
CA MET A 126 11.27 17.31 28.63
C MET A 126 9.92 16.91 29.19
N THR A 127 9.90 16.41 30.41
CA THR A 127 8.65 15.98 31.05
C THR A 127 7.64 17.12 31.16
N GLN A 128 8.08 18.28 31.66
CA GLN A 128 7.19 19.43 31.82
C GLN A 128 6.60 19.90 30.50
N ARG A 129 7.43 19.97 29.43
CA ARG A 129 6.96 20.39 28.11
C ARG A 129 5.91 19.46 27.53
N LEU A 130 6.08 18.16 27.74
CA LEU A 130 5.14 17.16 27.21
C LEU A 130 3.87 17.08 28.04
N LEU A 131 3.99 17.20 29.37
CA LEU A 131 2.81 17.32 30.24
C LEU A 131 1.97 18.53 29.87
N LYS A 132 2.61 19.64 29.52
CA LYS A 132 1.90 20.86 29.13
C LYS A 132 1.21 20.67 27.80
N ARG A 133 1.89 20.03 26.86
CA ARG A 133 1.25 19.70 25.59
C ARG A 133 0.05 18.77 25.76
N GLY A 134 0.19 17.77 26.61
CA GLY A 134 -0.88 16.82 26.89
C GLY A 134 -2.19 17.43 27.42
N GLU A 135 -2.11 18.65 27.95
CA GLU A 135 -3.30 19.37 28.41
C GLU A 135 -4.20 19.76 27.24
N THR A 136 -3.56 20.28 26.20
CA THR A 136 -4.23 20.90 25.07
C THR A 136 -4.36 19.95 23.88
N SER A 137 -3.30 19.20 23.59
CA SER A 137 -3.15 18.43 22.35
C SER A 137 -3.95 17.14 22.29
N GLY A 138 -3.99 16.57 21.08
CA GLY A 138 -4.59 15.26 20.82
C GLY A 138 -3.62 14.06 20.71
N ARG A 139 -2.31 14.27 20.87
CA ARG A 139 -1.35 13.15 20.85
C ARG A 139 -1.58 12.12 21.96
N VAL A 140 -1.59 10.84 21.58
CA VAL A 140 -1.93 9.78 22.51
C VAL A 140 -0.69 9.12 23.09
N ASP A 141 0.36 9.90 23.26
CA ASP A 141 1.59 9.42 23.88
C ASP A 141 2.22 10.49 24.78
N ASP A 142 1.37 11.30 25.40
CA ASP A 142 1.85 12.37 26.30
C ASP A 142 1.35 12.23 27.74
N ASN A 143 0.84 11.06 28.10
CA ASN A 143 0.46 10.80 29.49
C ASN A 143 1.69 10.47 30.38
N GLU A 144 1.58 10.69 31.68
CA GLU A 144 2.76 10.76 32.52
C GLU A 144 3.51 9.44 32.45
N GLU A 145 2.79 8.31 32.51
CA GLU A 145 3.42 6.97 32.50
C GLU A 145 4.15 6.70 31.16
N THR A 146 3.56 7.12 30.06
CA THR A 146 4.18 6.92 28.75
C THR A 146 5.37 7.88 28.49
N ILE A 147 5.33 9.07 29.07
CA ILE A 147 6.52 9.99 29.04
C ILE A 147 7.70 9.28 29.74
N LYS A 148 7.43 8.64 30.86
CA LYS A 148 8.48 7.86 31.55
C LYS A 148 9.09 6.78 30.67
N LYS A 149 8.23 5.97 30.01
CA LYS A 149 8.70 4.93 29.06
C LYS A 149 9.48 5.50 27.90
N ARG A 150 9.04 6.64 27.37
CA ARG A 150 9.73 7.25 26.26
C ARG A 150 11.12 7.72 26.68
N LEU A 151 11.23 8.23 27.91
CA LEU A 151 12.53 8.65 28.40
C LEU A 151 13.46 7.44 28.52
N GLU A 152 12.97 6.35 29.11
CA GLU A 152 13.76 5.13 29.28
C GLU A 152 14.28 4.60 27.97
N THR A 153 13.39 4.57 26.95
CA THR A 153 13.73 4.03 25.65
C THR A 153 14.81 4.90 25.02
N TYR A 154 14.67 6.22 25.12
CA TYR A 154 15.69 7.15 24.60
C TYR A 154 17.08 6.96 25.22
N TYR A 155 17.16 6.81 26.56
CA TYR A 155 18.44 6.73 27.23
C TYR A 155 19.08 5.37 26.98
N LYS A 156 18.26 4.31 26.97
CA LYS A 156 18.76 2.98 26.68
C LYS A 156 19.27 2.75 25.25
N ALA A 157 18.52 3.20 24.23
CA ALA A 157 18.77 2.83 22.84
C ALA A 157 19.38 3.94 22.01
N THR A 158 18.94 5.18 22.25
CA THR A 158 19.27 6.28 21.38
C THR A 158 20.51 7.06 21.82
N GLU A 159 20.75 7.20 23.11
CA GLU A 159 21.96 7.91 23.50
C GLU A 159 23.27 7.32 22.89
N PRO A 160 23.43 5.97 22.84
CA PRO A 160 24.51 5.31 22.07
C PRO A 160 24.73 5.68 20.61
N VAL A 161 23.69 6.18 19.93
CA VAL A 161 23.79 6.66 18.57
C VAL A 161 24.71 7.90 18.52
N ILE A 162 24.54 8.79 19.48
CA ILE A 162 25.43 9.97 19.62
C ILE A 162 26.93 9.55 19.72
N ALA A 163 27.26 8.67 20.65
CA ALA A 163 28.66 8.23 20.79
C ALA A 163 29.18 7.51 19.53
N PHE A 164 28.28 6.86 18.80
CA PHE A 164 28.60 6.15 17.56
C PHE A 164 29.05 7.13 16.50
N TYR A 165 28.24 8.13 16.27
CA TYR A 165 28.55 9.16 15.25
C TYR A 165 29.59 10.18 15.72
N GLU A 166 29.74 10.34 17.04
CA GLU A 166 30.77 11.19 17.62
C GLU A 166 32.16 10.83 17.10
N LYS A 167 32.41 9.53 16.92
CA LYS A 167 33.68 9.02 16.39
C LYS A 167 34.10 9.58 15.04
N ARG A 168 33.11 9.92 14.20
CA ARG A 168 33.32 10.45 12.86
C ARG A 168 33.42 11.98 12.82
N GLY A 169 33.26 12.66 13.97
CA GLY A 169 33.48 14.11 14.07
C GLY A 169 32.30 14.97 13.60
N ILE A 170 31.13 14.36 13.39
CA ILE A 170 29.98 15.04 12.72
C ILE A 170 28.90 15.50 13.69
N VAL A 171 29.10 15.28 14.99
CA VAL A 171 28.11 15.76 15.97
C VAL A 171 28.30 17.26 16.31
N ARG A 172 27.19 17.98 16.39
CA ARG A 172 27.14 19.37 16.84
C ARG A 172 26.04 19.49 17.88
N LYS A 173 26.42 19.86 19.11
CA LYS A 173 25.45 19.85 20.23
C LYS A 173 24.85 21.23 20.43
N VAL A 174 23.63 21.32 20.85
CA VAL A 174 23.01 22.58 21.27
C VAL A 174 22.27 22.40 22.59
N ASN A 175 22.47 23.34 23.51
CA ASN A 175 21.73 23.37 24.75
C ASN A 175 20.26 23.70 24.53
N ALA A 176 19.39 22.71 24.74
CA ALA A 176 18.00 22.82 24.35
C ALA A 176 17.13 23.47 25.40
N GLU A 177 17.71 23.89 26.54
CA GLU A 177 16.94 24.53 27.60
C GLU A 177 16.92 25.99 27.22
N GLY A 178 15.96 26.73 27.73
CA GLY A 178 15.89 28.18 27.44
C GLY A 178 14.97 28.43 26.27
N SER A 179 15.00 29.65 25.72
CA SER A 179 13.97 30.07 24.79
C SER A 179 14.13 29.41 23.43
N VAL A 180 13.03 29.35 22.68
CA VAL A 180 13.09 28.82 21.28
C VAL A 180 14.14 29.59 20.48
N ASP A 181 14.24 30.89 20.72
CA ASP A 181 15.18 31.71 19.94
C ASP A 181 16.64 31.46 20.37
N SER A 182 16.89 31.33 21.66
CA SER A 182 18.24 31.00 22.13
C SER A 182 18.75 29.66 21.60
N VAL A 183 17.85 28.69 21.44
CA VAL A 183 18.26 27.40 20.93
C VAL A 183 18.59 27.51 19.45
N PHE A 184 17.75 28.22 18.67
CA PHE A 184 17.96 28.41 17.22
C PHE A 184 19.22 29.20 16.86
N SER A 185 19.55 30.20 17.67
CA SER A 185 20.83 30.88 17.50
C SER A 185 22.03 29.91 17.52
N GLN A 186 22.03 28.96 18.46
CA GLN A 186 23.07 27.93 18.52
C GLN A 186 23.01 27.01 17.30
N VAL A 187 21.80 26.65 16.89
CA VAL A 187 21.61 25.83 15.69
C VAL A 187 22.20 26.56 14.46
N CYS A 188 21.90 27.84 14.28
CA CYS A 188 22.42 28.57 13.12
C CYS A 188 23.98 28.70 13.10
N THR A 189 24.55 28.89 14.28
CA THR A 189 26.00 28.96 14.43
C THR A 189 26.67 27.69 13.90
N HIS A 190 26.04 26.55 14.13
CA HIS A 190 26.58 25.26 13.69
C HIS A 190 26.41 25.09 12.19
N LEU A 191 25.23 25.42 11.68
CA LEU A 191 24.92 25.21 10.28
C LEU A 191 25.69 26.19 9.39
N ASP A 192 25.78 27.44 9.82
CA ASP A 192 26.54 28.45 9.10
C ASP A 192 28.05 28.11 8.99
N ALA A 193 28.61 27.44 10.00
CA ALA A 193 30.03 27.07 9.95
C ALA A 193 30.34 25.99 8.91
N LEU A 194 29.31 25.30 8.45
CA LEU A 194 29.42 24.20 7.48
C LEU A 194 28.93 24.59 6.09
N LEU A 195 27.86 25.39 6.06
CA LEU A 195 27.30 25.94 4.84
C LEU A 195 27.82 27.36 4.70
N SER B 1 0.28 13.84 -4.39
CA SER B 1 1.40 13.13 -3.71
C SER B 1 1.94 12.00 -4.58
N MET B 2 3.17 11.58 -4.30
CA MET B 2 3.81 10.49 -5.00
C MET B 2 3.04 9.19 -4.74
N GLU B 3 2.61 9.00 -3.50
CA GLU B 3 1.78 7.85 -3.11
C GLU B 3 0.50 7.73 -3.94
N GLU B 4 -0.16 8.85 -4.15
CA GLU B 4 -1.40 8.88 -4.93
C GLU B 4 -1.12 8.57 -6.38
N LYS B 5 -0.09 9.20 -6.93
CA LYS B 5 0.34 8.97 -8.29
C LYS B 5 0.60 7.50 -8.59
N LEU B 6 1.35 6.83 -7.72
CA LEU B 6 1.68 5.42 -7.93
C LEU B 6 0.45 4.49 -7.89
N LYS B 7 -0.56 4.88 -7.12
CA LYS B 7 -1.83 4.15 -7.04
C LYS B 7 -2.71 4.34 -8.29
N LYS B 8 -2.38 5.30 -9.13
CA LYS B 8 -3.25 5.63 -10.26
C LYS B 8 -2.71 5.11 -11.59
N THR B 9 -1.41 4.86 -11.67
CA THR B 9 -0.80 4.45 -12.92
C THR B 9 -1.09 2.98 -13.20
N ASN B 10 -1.27 2.65 -14.48
CA ASN B 10 -1.44 1.25 -14.90
C ASN B 10 -0.17 0.41 -14.63
N ILE B 11 -0.31 -0.69 -13.90
CA ILE B 11 0.79 -1.59 -13.63
C ILE B 11 0.45 -2.96 -14.21
N ILE B 12 1.28 -3.44 -15.13
CA ILE B 12 1.15 -4.81 -15.66
C ILE B 12 2.31 -5.71 -15.22
N PHE B 13 2.01 -6.76 -14.45
CA PHE B 13 3.02 -7.76 -14.03
C PHE B 13 3.29 -8.77 -15.20
N VAL B 14 4.55 -8.95 -15.59
CA VAL B 14 4.88 -9.91 -16.67
C VAL B 14 5.64 -11.07 -16.06
N VAL B 15 4.98 -12.23 -16.06
CA VAL B 15 5.46 -13.43 -15.37
C VAL B 15 5.68 -14.58 -16.31
N GLY B 16 6.78 -15.31 -16.12
CA GLY B 16 7.11 -16.44 -16.97
C GLY B 16 8.48 -17.00 -16.62
N GLY B 17 8.74 -18.22 -17.05
CA GLY B 17 10.00 -18.86 -16.70
C GLY B 17 11.22 -18.26 -17.34
N PRO B 18 12.41 -18.75 -16.97
CA PRO B 18 13.65 -18.25 -17.56
C PRO B 18 13.77 -18.60 -19.02
N GLY B 19 13.82 -17.58 -19.86
CA GLY B 19 13.93 -17.75 -21.29
C GLY B 19 12.59 -17.85 -21.99
N SER B 20 11.48 -17.61 -21.26
CA SER B 20 10.14 -17.66 -21.86
C SER B 20 9.86 -16.56 -22.90
N GLY B 21 10.64 -15.49 -22.87
CA GLY B 21 10.54 -14.39 -23.83
C GLY B 21 9.92 -13.13 -23.27
N LYS B 22 9.98 -12.93 -21.95
CA LYS B 22 9.42 -11.72 -21.32
C LYS B 22 10.04 -10.43 -21.90
N GLY B 23 11.37 -10.32 -21.88
CA GLY B 23 12.01 -9.10 -22.38
C GLY B 23 11.66 -8.79 -23.82
N THR B 24 11.67 -9.83 -24.64
CA THR B 24 11.45 -9.72 -26.08
C THR B 24 10.06 -9.20 -26.38
N GLN B 25 9.08 -9.74 -25.69
CA GLN B 25 7.70 -9.28 -25.82
C GLN B 25 7.55 -7.88 -25.23
N CYS B 26 8.19 -7.61 -24.08
CA CYS B 26 8.08 -6.30 -23.47
C CYS B 26 8.54 -5.17 -24.39
N GLU B 27 9.63 -5.35 -25.13
CA GLU B 27 10.09 -4.30 -26.05
C GLU B 27 9.12 -4.05 -27.19
N LYS B 28 8.45 -5.09 -27.65
CA LYS B 28 7.45 -4.94 -28.69
C LYS B 28 6.23 -4.18 -28.15
N ILE B 29 5.89 -4.40 -26.88
CA ILE B 29 4.82 -3.66 -26.23
C ILE B 29 5.22 -2.17 -26.12
N VAL B 30 6.46 -1.90 -25.74
CA VAL B 30 6.94 -0.52 -25.61
C VAL B 30 6.83 0.22 -26.95
N GLN B 31 7.31 -0.44 -27.99
CA GLN B 31 7.28 0.08 -29.34
C GLN B 31 5.86 0.38 -29.83
N LYS B 32 4.91 -0.53 -29.56
CA LYS B 32 3.52 -0.34 -30.04
C LYS B 32 2.69 0.59 -29.14
N TYR B 33 2.80 0.43 -27.81
CA TYR B 33 1.90 1.08 -26.85
C TYR B 33 2.51 2.21 -26.03
N GLY B 34 3.84 2.35 -26.05
CA GLY B 34 4.54 3.42 -25.33
C GLY B 34 4.63 3.25 -23.82
N TYR B 35 4.53 2.01 -23.33
CA TYR B 35 4.66 1.75 -21.89
C TYR B 35 6.15 1.81 -21.48
N THR B 36 6.38 1.75 -20.17
CA THR B 36 7.71 1.81 -19.54
C THR B 36 8.04 0.42 -19.10
N HIS B 37 9.17 -0.13 -19.56
CA HIS B 37 9.56 -1.49 -19.22
C HIS B 37 10.59 -1.45 -18.15
N LEU B 38 10.33 -2.16 -17.03
CA LEU B 38 11.28 -2.31 -15.94
C LEU B 38 11.55 -3.78 -15.69
N SER B 39 12.79 -4.20 -15.90
CA SER B 39 13.24 -5.57 -15.61
C SER B 39 14.08 -5.59 -14.35
N THR B 40 13.62 -6.29 -13.31
CA THR B 40 14.43 -6.39 -12.09
C THR B 40 15.78 -7.04 -12.33
N GLY B 41 15.86 -8.02 -13.25
CA GLY B 41 17.14 -8.61 -13.66
C GLY B 41 18.10 -7.59 -14.23
N ASP B 42 17.63 -6.76 -15.16
CA ASP B 42 18.45 -5.64 -15.67
C ASP B 42 18.96 -4.67 -14.61
N LEU B 43 18.05 -4.24 -13.73
CA LEU B 43 18.39 -3.45 -12.58
C LEU B 43 19.48 -4.04 -11.74
N LEU B 44 19.33 -5.31 -11.40
CA LEU B 44 20.33 -5.99 -10.58
C LEU B 44 21.69 -6.15 -11.27
N ARG B 45 21.68 -6.51 -12.55
CA ARG B 45 22.90 -6.58 -13.34
C ARG B 45 23.58 -5.21 -13.51
N SER B 46 22.82 -4.12 -13.60
CA SER B 46 23.42 -2.78 -13.53
C SER B 46 24.21 -2.57 -12.24
N GLU B 47 23.66 -3.02 -11.12
CA GLU B 47 24.33 -2.89 -9.84
C GLU B 47 25.60 -3.72 -9.88
N VAL B 48 25.51 -4.92 -10.40
CA VAL B 48 26.70 -5.76 -10.47
C VAL B 48 27.81 -5.06 -11.25
N SER B 49 27.45 -4.41 -12.37
CA SER B 49 28.45 -3.81 -13.25
C SER B 49 29.12 -2.58 -12.60
N SER B 50 28.49 -1.98 -11.59
CA SER B 50 29.12 -0.88 -10.82
C SER B 50 30.40 -1.29 -10.08
N GLY B 51 30.60 -2.59 -9.88
CA GLY B 51 31.73 -3.08 -9.11
C GLY B 51 31.60 -3.02 -7.60
N SER B 52 30.39 -2.76 -7.09
CA SER B 52 30.15 -2.61 -5.66
C SER B 52 30.21 -3.96 -4.93
N ALA B 53 30.49 -3.91 -3.62
CA ALA B 53 30.45 -5.12 -2.77
C ALA B 53 29.06 -5.69 -2.74
N ARG B 54 28.04 -4.82 -2.72
CA ARG B 54 26.66 -5.27 -2.88
C ARG B 54 26.52 -6.09 -4.17
N GLY B 55 27.04 -5.55 -5.27
CA GLY B 55 26.98 -6.20 -6.57
C GLY B 55 27.65 -7.56 -6.59
N LYS B 56 28.82 -7.68 -5.96
CA LYS B 56 29.47 -9.01 -5.82
C LYS B 56 28.56 -10.04 -5.15
N LYS B 57 27.93 -9.67 -4.05
CA LYS B 57 26.99 -10.57 -3.35
C LYS B 57 25.76 -10.90 -4.19
N LEU B 58 25.18 -9.90 -4.85
CA LEU B 58 24.07 -10.14 -5.73
C LEU B 58 24.47 -11.11 -6.85
N SER B 59 25.67 -10.97 -7.41
CA SER B 59 26.11 -11.84 -8.50
C SER B 59 26.18 -13.29 -8.05
N GLU B 60 26.70 -13.53 -6.84
CA GLU B 60 26.82 -14.91 -6.31
C GLU B 60 25.48 -15.58 -6.17
N ILE B 61 24.45 -14.81 -5.88
CA ILE B 61 23.10 -15.34 -5.74
C ILE B 61 22.44 -15.58 -7.09
N MET B 62 22.74 -14.68 -8.04
CA MET B 62 22.24 -14.84 -9.41
C MET B 62 22.93 -16.00 -10.12
N GLU B 63 24.17 -16.26 -9.72
CA GLU B 63 24.92 -17.43 -10.25
C GLU B 63 24.45 -18.78 -9.71
N LYS B 64 23.76 -18.79 -8.57
CA LYS B 64 23.09 -20.00 -8.01
C LYS B 64 21.64 -20.16 -8.44
N GLY B 65 21.15 -19.26 -9.29
CA GLY B 65 19.76 -19.31 -9.78
C GLY B 65 18.72 -19.00 -8.72
N GLN B 66 19.13 -18.28 -7.67
CA GLN B 66 18.30 -18.03 -6.49
C GLN B 66 17.79 -16.59 -6.44
N LEU B 67 16.82 -16.35 -5.56
CA LEU B 67 16.24 -15.01 -5.45
C LEU B 67 17.07 -14.11 -4.53
N VAL B 68 17.33 -12.88 -4.96
CA VAL B 68 18.04 -11.92 -4.12
C VAL B 68 17.03 -11.40 -3.09
N PRO B 69 17.51 -10.86 -1.96
CA PRO B 69 16.59 -10.34 -0.89
C PRO B 69 15.59 -9.28 -1.38
N LEU B 70 14.38 -9.33 -0.86
CA LEU B 70 13.25 -8.53 -1.29
C LEU B 70 13.52 -7.04 -1.25
N GLU B 71 14.11 -6.54 -0.16
CA GLU B 71 14.21 -5.11 0.10
C GLU B 71 15.21 -4.50 -0.88
N THR B 72 16.22 -5.29 -1.25
CA THR B 72 17.21 -4.82 -2.21
C THR B 72 16.57 -4.63 -3.59
N VAL B 73 15.86 -5.66 -4.07
CA VAL B 73 15.22 -5.56 -5.38
C VAL B 73 14.04 -4.57 -5.41
N LEU B 74 13.23 -4.55 -4.37
CA LEU B 74 12.10 -3.61 -4.30
C LEU B 74 12.52 -2.13 -4.16
N ASP B 75 13.61 -1.86 -3.45
CA ASP B 75 14.18 -0.51 -3.41
C ASP B 75 14.51 -0.04 -4.85
N MET B 76 15.21 -0.89 -5.60
CA MET B 76 15.62 -0.56 -6.99
C MET B 76 14.40 -0.36 -7.86
N LEU B 77 13.45 -1.27 -7.77
CA LEU B 77 12.23 -1.24 -8.57
C LEU B 77 11.34 -0.03 -8.29
N ARG B 78 11.04 0.24 -7.01
CA ARG B 78 10.21 1.40 -6.67
C ARG B 78 10.89 2.71 -7.05
N ASP B 79 12.21 2.79 -6.83
CA ASP B 79 12.98 3.98 -7.25
C ASP B 79 12.81 4.26 -8.74
N ALA B 80 12.94 3.21 -9.56
CA ALA B 80 12.78 3.40 -11.03
C ALA B 80 11.38 3.84 -11.45
N MET B 81 10.36 3.37 -10.72
CA MET B 81 8.98 3.79 -10.91
C MET B 81 8.77 5.25 -10.53
N VAL B 82 9.29 5.63 -9.37
CA VAL B 82 9.15 7.00 -8.92
C VAL B 82 9.82 7.93 -9.95
N ALA B 83 10.97 7.54 -10.47
CA ALA B 83 11.67 8.42 -11.44
C ALA B 83 10.89 8.69 -12.72
N LYS B 84 9.98 7.79 -13.05
CA LYS B 84 9.26 7.84 -14.33
C LYS B 84 7.74 8.11 -14.25
N VAL B 85 7.16 8.07 -13.04
CA VAL B 85 5.69 8.09 -12.92
C VAL B 85 5.03 9.38 -13.44
N ASN B 86 5.74 10.52 -13.39
CA ASN B 86 5.19 11.78 -13.87
C ASN B 86 4.98 11.77 -15.38
N THR B 87 5.78 10.96 -16.09
CA THR B 87 5.77 10.94 -17.56
C THR B 87 5.31 9.63 -18.19
N SER B 88 5.19 8.58 -17.40
CA SER B 88 4.89 7.25 -17.93
C SER B 88 3.43 7.07 -18.34
N LYS B 89 3.18 6.34 -19.42
CA LYS B 89 1.80 5.96 -19.81
C LYS B 89 1.34 4.69 -19.10
N GLY B 90 2.23 4.05 -18.35
CA GLY B 90 1.96 2.75 -17.77
C GLY B 90 3.24 1.93 -17.64
N PHE B 91 3.25 0.97 -16.72
CA PHE B 91 4.44 0.20 -16.39
C PHE B 91 4.29 -1.28 -16.73
N LEU B 92 5.33 -1.86 -17.33
CA LEU B 92 5.50 -3.31 -17.48
C LEU B 92 6.59 -3.76 -16.52
N ILE B 93 6.18 -4.49 -15.50
CA ILE B 93 7.05 -5.02 -14.47
C ILE B 93 7.40 -6.46 -14.82
N ASP B 94 8.60 -6.63 -15.36
CA ASP B 94 9.11 -7.91 -15.88
C ASP B 94 9.99 -8.61 -14.82
N GLY B 95 9.56 -9.77 -14.33
CA GLY B 95 10.37 -10.55 -13.38
C GLY B 95 10.26 -10.20 -11.89
N TYR B 96 9.30 -9.33 -11.56
CA TYR B 96 8.87 -9.09 -10.19
C TYR B 96 7.33 -9.05 -10.28
N PRO B 97 6.61 -9.76 -9.38
CA PRO B 97 7.08 -10.53 -8.23
C PRO B 97 7.49 -11.97 -8.55
N ARG B 98 8.49 -12.47 -7.81
CA ARG B 98 8.95 -13.87 -7.94
C ARG B 98 8.46 -14.80 -6.83
N GLU B 99 7.72 -14.27 -5.86
CA GLU B 99 7.13 -15.07 -4.77
C GLU B 99 5.92 -14.29 -4.28
N VAL B 100 4.99 -14.93 -3.59
CA VAL B 100 3.79 -14.22 -3.13
C VAL B 100 4.10 -13.03 -2.20
N GLN B 101 5.06 -13.20 -1.30
CA GLN B 101 5.46 -12.15 -0.36
C GLN B 101 5.91 -10.87 -1.09
N GLN B 102 6.62 -11.06 -2.22
CA GLN B 102 7.05 -9.90 -3.03
C GLN B 102 5.84 -9.13 -3.55
N GLY B 103 4.81 -9.85 -3.97
CA GLY B 103 3.60 -9.21 -4.50
C GLY B 103 2.85 -8.39 -3.45
N GLU B 104 2.74 -8.95 -2.25
CA GLU B 104 2.03 -8.33 -1.16
C GLU B 104 2.74 -7.06 -0.71
N GLU B 105 4.06 -7.06 -0.65
CA GLU B 105 4.74 -5.82 -0.20
C GLU B 105 4.70 -4.75 -1.29
N PHE B 106 4.75 -5.14 -2.57
CA PHE B 106 4.62 -4.17 -3.68
C PHE B 106 3.29 -3.45 -3.60
N GLU B 107 2.21 -4.21 -3.41
CA GLU B 107 0.86 -3.63 -3.35
C GLU B 107 0.65 -2.62 -2.22
N ARG B 108 1.23 -2.93 -1.06
CA ARG B 108 1.12 -2.09 0.11
C ARG B 108 1.93 -0.79 -0.05
N ARG B 109 3.12 -0.84 -0.67
CA ARG B 109 3.95 0.37 -0.81
C ARG B 109 3.86 1.06 -2.17
N ILE B 110 3.16 0.48 -3.13
CA ILE B 110 3.05 1.12 -4.46
C ILE B 110 1.59 1.17 -4.94
N GLY B 111 1.07 0.04 -5.40
CA GLY B 111 -0.32 -0.10 -5.76
C GLY B 111 -0.59 -1.50 -6.32
N GLN B 112 -1.85 -1.85 -6.50
CA GLN B 112 -2.19 -3.18 -7.00
C GLN B 112 -2.07 -3.26 -8.52
N PRO B 113 -1.69 -4.43 -9.06
CA PRO B 113 -1.61 -4.57 -10.52
C PRO B 113 -2.97 -4.54 -11.22
N THR B 114 -2.98 -4.02 -12.44
CA THR B 114 -4.14 -4.01 -13.31
C THR B 114 -4.28 -5.29 -14.11
N LEU B 115 -3.16 -5.87 -14.53
CA LEU B 115 -3.13 -7.09 -15.36
C LEU B 115 -1.89 -7.92 -14.97
N LEU B 116 -1.99 -9.24 -15.12
CA LEU B 116 -0.81 -10.14 -15.06
C LEU B 116 -0.76 -10.88 -16.39
N LEU B 117 0.28 -10.58 -17.16
CA LEU B 117 0.51 -11.24 -18.44
C LEU B 117 1.44 -12.42 -18.19
N TYR B 118 0.92 -13.61 -18.45
CA TYR B 118 1.58 -14.88 -18.16
C TYR B 118 2.15 -15.48 -19.45
N VAL B 119 3.48 -15.41 -19.57
CA VAL B 119 4.21 -15.87 -20.74
C VAL B 119 4.62 -17.30 -20.53
N ASP B 120 3.87 -18.19 -21.14
CA ASP B 120 3.84 -19.59 -20.74
C ASP B 120 4.58 -20.47 -21.74
N ALA B 121 5.79 -20.87 -21.38
CA ALA B 121 6.61 -21.78 -22.20
C ALA B 121 6.98 -23.05 -21.45
N GLY B 122 7.28 -24.10 -22.21
CA GLY B 122 7.78 -25.36 -21.66
C GLY B 122 9.28 -25.32 -21.32
N PRO B 123 9.71 -26.17 -20.37
CA PRO B 123 11.09 -26.17 -19.95
C PRO B 123 12.12 -26.46 -21.07
N GLU B 124 11.82 -27.38 -22.00
CA GLU B 124 12.75 -27.65 -23.10
C GLU B 124 12.94 -26.43 -24.03
N THR B 125 11.87 -25.68 -24.27
CA THR B 125 11.96 -24.47 -25.07
C THR B 125 12.84 -23.40 -24.34
N MET B 126 12.65 -23.28 -23.02
CA MET B 126 13.39 -22.30 -22.23
C MET B 126 14.86 -22.62 -22.23
N THR B 127 15.18 -23.89 -21.96
CA THR B 127 16.56 -24.34 -21.91
C THR B 127 17.28 -24.15 -23.25
N GLN B 128 16.61 -24.50 -24.34
CA GLN B 128 17.22 -24.37 -25.67
C GLN B 128 17.51 -22.90 -26.03
N ARG B 129 16.60 -21.99 -25.68
CA ARG B 129 16.76 -20.56 -25.97
C ARG B 129 17.93 -19.96 -25.21
N LEU B 130 18.07 -20.36 -23.95
CA LEU B 130 19.10 -19.80 -23.08
C LEU B 130 20.50 -20.36 -23.41
N LEU B 131 20.57 -21.62 -23.78
CA LEU B 131 21.84 -22.17 -24.27
C LEU B 131 22.30 -21.48 -25.54
N LYS B 132 21.36 -21.22 -26.45
CA LYS B 132 21.69 -20.50 -27.69
C LYS B 132 22.20 -19.08 -27.41
N ARG B 133 21.56 -18.38 -26.47
CA ARG B 133 22.04 -17.07 -26.05
C ARG B 133 23.40 -17.19 -25.40
N GLY B 134 23.57 -18.26 -24.60
CA GLY B 134 24.81 -18.51 -23.88
C GLY B 134 26.05 -18.60 -24.75
N GLU B 135 25.87 -19.10 -25.98
CA GLU B 135 26.96 -19.20 -26.97
C GLU B 135 27.66 -17.85 -27.13
N THR B 136 26.87 -16.79 -27.23
CA THR B 136 27.34 -15.49 -27.65
C THR B 136 27.38 -14.45 -26.52
N SER B 137 26.40 -14.50 -25.63
CA SER B 137 26.16 -13.43 -24.65
C SER B 137 27.25 -13.31 -23.58
N GLY B 138 27.09 -12.31 -22.72
CA GLY B 138 27.96 -12.08 -21.58
C GLY B 138 27.30 -12.32 -20.23
N ARG B 139 26.05 -12.82 -20.24
CA ARG B 139 25.34 -13.08 -19.01
C ARG B 139 25.96 -14.24 -18.22
N VAL B 140 26.07 -14.02 -16.94
CA VAL B 140 26.81 -14.87 -16.01
C VAL B 140 25.94 -16.04 -15.56
N ASP B 141 24.66 -16.04 -15.91
CA ASP B 141 23.76 -17.10 -15.46
C ASP B 141 23.19 -18.01 -16.57
N ASP B 142 23.71 -17.93 -17.80
CA ASP B 142 23.19 -18.73 -18.94
C ASP B 142 23.95 -20.06 -19.17
N ASN B 143 24.84 -20.44 -18.26
CA ASN B 143 25.47 -21.75 -18.30
C ASN B 143 24.46 -22.83 -17.94
N GLU B 144 24.64 -24.02 -18.52
CA GLU B 144 23.68 -25.13 -18.40
C GLU B 144 23.32 -25.52 -16.95
N GLU B 145 24.27 -25.48 -16.03
CA GLU B 145 23.99 -25.85 -14.63
C GLU B 145 23.12 -24.80 -13.92
N THR B 146 23.34 -23.53 -14.26
CA THR B 146 22.59 -22.46 -13.67
C THR B 146 21.19 -22.33 -14.30
N ILE B 147 21.07 -22.62 -15.59
CA ILE B 147 19.75 -22.69 -16.24
C ILE B 147 18.87 -23.66 -15.45
N LYS B 148 19.41 -24.83 -15.12
CA LYS B 148 18.67 -25.84 -14.37
C LYS B 148 18.16 -25.36 -13.02
N LYS B 149 19.03 -24.64 -12.29
CA LYS B 149 18.63 -24.06 -11.02
C LYS B 149 17.59 -22.96 -11.15
N ARG B 150 17.70 -22.13 -12.19
CA ARG B 150 16.73 -21.06 -12.43
C ARG B 150 15.35 -21.59 -12.69
N LEU B 151 15.29 -22.73 -13.37
CA LEU B 151 14.04 -23.42 -13.62
C LEU B 151 13.40 -23.94 -12.31
N GLU B 152 14.20 -24.60 -11.48
CA GLU B 152 13.73 -25.13 -10.21
C GLU B 152 13.14 -24.03 -9.34
N THR B 153 13.87 -22.93 -9.22
CA THR B 153 13.42 -21.78 -8.45
C THR B 153 12.10 -21.21 -9.04
N TYR B 154 11.99 -21.15 -10.35
CA TYR B 154 10.76 -20.61 -10.96
C TYR B 154 9.57 -21.49 -10.59
N TYR B 155 9.70 -22.81 -10.76
CA TYR B 155 8.56 -23.70 -10.50
C TYR B 155 8.19 -23.75 -9.02
N LYS B 156 9.18 -23.64 -8.15
CA LYS B 156 8.92 -23.69 -6.70
C LYS B 156 8.30 -22.38 -6.12
N ALA B 157 8.88 -21.24 -6.48
CA ALA B 157 8.56 -19.97 -5.84
C ALA B 157 7.58 -19.13 -6.68
N THR B 158 7.80 -19.11 -7.99
CA THR B 158 7.13 -18.17 -8.87
C THR B 158 5.81 -18.70 -9.41
N GLU B 159 5.72 -19.97 -9.79
CA GLU B 159 4.48 -20.39 -10.45
C GLU B 159 3.23 -20.28 -9.53
N PRO B 160 3.38 -20.44 -8.21
CA PRO B 160 2.32 -20.05 -7.27
C PRO B 160 1.80 -18.61 -7.30
N VAL B 161 2.60 -17.64 -7.75
CA VAL B 161 2.15 -16.25 -7.94
C VAL B 161 0.94 -16.22 -8.88
N ILE B 162 0.98 -17.08 -9.90
CA ILE B 162 -0.10 -17.18 -10.90
C ILE B 162 -1.44 -17.53 -10.29
N ALA B 163 -1.48 -18.62 -9.53
CA ALA B 163 -2.70 -19.04 -8.86
C ALA B 163 -3.22 -17.95 -7.89
N PHE B 164 -2.30 -17.32 -7.17
CA PHE B 164 -2.60 -16.20 -6.28
C PHE B 164 -3.36 -15.02 -7.00
N TYR B 165 -2.85 -14.57 -8.14
CA TYR B 165 -3.50 -13.48 -8.89
C TYR B 165 -4.71 -13.94 -9.74
N GLU B 166 -4.79 -15.22 -10.08
CA GLU B 166 -5.96 -15.72 -10.80
CA GLU B 166 -5.96 -15.74 -10.80
C GLU B 166 -7.27 -15.49 -10.02
N LYS B 167 -7.19 -15.55 -8.68
CA LYS B 167 -8.34 -15.29 -7.82
C LYS B 167 -8.94 -13.86 -7.99
N ARG B 168 -8.17 -12.94 -8.57
CA ARG B 168 -8.67 -11.57 -8.86
C ARG B 168 -9.16 -11.34 -10.30
N GLY B 169 -9.10 -12.38 -11.14
CA GLY B 169 -9.54 -12.28 -12.54
C GLY B 169 -8.60 -11.55 -13.50
N ILE B 170 -7.39 -11.18 -13.04
CA ILE B 170 -6.47 -10.33 -13.85
C ILE B 170 -5.44 -11.07 -14.70
N VAL B 171 -5.39 -12.40 -14.60
CA VAL B 171 -4.41 -13.17 -15.38
C VAL B 171 -4.82 -13.39 -16.85
N ARG B 172 -3.86 -13.19 -17.74
CA ARG B 172 -4.02 -13.41 -19.17
C ARG B 172 -2.83 -14.19 -19.67
N LYS B 173 -3.09 -15.39 -20.18
CA LYS B 173 -2.04 -16.32 -20.62
C LYS B 173 -1.78 -16.18 -22.10
N VAL B 174 -0.50 -16.21 -22.48
CA VAL B 174 -0.11 -16.41 -23.86
C VAL B 174 0.79 -17.63 -24.04
N ASN B 175 0.56 -18.37 -25.13
CA ASN B 175 1.39 -19.51 -25.50
C ASN B 175 2.72 -18.97 -26.05
N ALA B 176 3.81 -19.13 -25.29
CA ALA B 176 5.07 -18.43 -25.57
C ALA B 176 5.99 -19.17 -26.55
N GLU B 177 5.56 -20.32 -27.01
CA GLU B 177 6.30 -21.07 -28.00
C GLU B 177 5.81 -20.68 -29.38
N GLY B 178 6.71 -20.69 -30.34
CA GLY B 178 6.41 -20.22 -31.69
C GLY B 178 7.13 -18.91 -31.97
N SER B 179 6.79 -18.28 -33.10
CA SER B 179 7.50 -17.08 -33.51
C SER B 179 7.21 -15.91 -32.58
N VAL B 180 8.14 -14.97 -32.53
CA VAL B 180 7.99 -13.73 -31.78
C VAL B 180 6.71 -13.00 -32.18
N ASP B 181 6.40 -13.05 -33.48
CA ASP B 181 5.18 -12.43 -34.00
C ASP B 181 3.90 -13.15 -33.60
N SER B 182 3.91 -14.47 -33.53
CA SER B 182 2.72 -15.24 -33.12
C SER B 182 2.37 -14.97 -31.66
N VAL B 183 3.40 -14.91 -30.81
CA VAL B 183 3.25 -14.62 -29.39
C VAL B 183 2.71 -13.19 -29.23
N PHE B 184 3.33 -12.23 -29.92
CA PHE B 184 2.91 -10.82 -29.80
C PHE B 184 1.48 -10.56 -30.23
N SER B 185 1.01 -11.30 -31.24
CA SER B 185 -0.38 -11.18 -31.68
C SER B 185 -1.37 -11.56 -30.54
N GLN B 186 -1.02 -12.58 -29.76
CA GLN B 186 -1.77 -12.95 -28.56
C GLN B 186 -1.73 -11.84 -27.52
N VAL B 187 -0.53 -11.29 -27.31
CA VAL B 187 -0.30 -10.20 -26.36
C VAL B 187 -1.15 -8.99 -26.72
N CYS B 188 -1.23 -8.66 -28.00
CA CYS B 188 -1.99 -7.51 -28.42
C CYS B 188 -3.50 -7.65 -28.21
N THR B 189 -4.00 -8.85 -28.39
CA THR B 189 -5.40 -9.15 -28.14
C THR B 189 -5.77 -8.87 -26.68
N HIS B 190 -4.90 -9.23 -25.76
CA HIS B 190 -5.13 -8.99 -24.33
C HIS B 190 -5.03 -7.51 -23.97
N LEU B 191 -4.03 -6.83 -24.55
CA LEU B 191 -3.79 -5.44 -24.25
C LEU B 191 -4.86 -4.57 -24.90
N ASP B 192 -5.25 -4.91 -26.12
CA ASP B 192 -6.35 -4.18 -26.79
C ASP B 192 -7.67 -4.26 -26.01
N ALA B 193 -8.01 -5.42 -25.47
CA ALA B 193 -9.23 -5.57 -24.67
C ALA B 193 -9.22 -4.66 -23.45
N LEU B 194 -8.04 -4.44 -22.89
CA LEU B 194 -7.88 -3.58 -21.74
C LEU B 194 -7.87 -2.11 -22.12
N LEU B 195 -7.09 -1.77 -23.14
CA LEU B 195 -6.92 -0.37 -23.56
C LEU B 195 -7.93 -0.01 -24.63
N SER C 1 -16.93 -6.52 -26.00
CA SER C 1 -17.89 -7.39 -25.28
C SER C 1 -18.28 -6.77 -23.96
N MET C 2 -19.30 -7.38 -23.33
CA MET C 2 -19.78 -6.94 -22.03
C MET C 2 -18.78 -7.32 -20.90
N GLU C 3 -18.20 -8.51 -21.02
CA GLU C 3 -17.14 -8.98 -20.13
C GLU C 3 -16.02 -7.93 -20.03
N GLU C 4 -15.56 -7.46 -21.17
CA GLU C 4 -14.49 -6.47 -21.24
C GLU C 4 -14.92 -5.14 -20.64
N LYS C 5 -16.16 -4.74 -20.91
CA LYS C 5 -16.71 -3.49 -20.40
C LYS C 5 -16.74 -3.45 -18.87
N LEU C 6 -17.12 -4.59 -18.27
CA LEU C 6 -17.18 -4.71 -16.82
C LEU C 6 -15.81 -4.58 -16.11
N LYS C 7 -14.73 -4.74 -16.86
CA LYS C 7 -13.39 -4.62 -16.26
C LYS C 7 -12.79 -3.23 -16.43
N LYS C 8 -13.51 -2.36 -17.12
CA LYS C 8 -13.03 -1.03 -17.42
C LYS C 8 -13.76 0.04 -16.61
N THR C 9 -14.71 -0.39 -15.78
CA THR C 9 -15.52 0.54 -15.00
C THR C 9 -15.01 0.55 -13.55
N ASN C 10 -15.01 1.73 -12.93
CA ASN C 10 -14.67 1.88 -11.52
C ASN C 10 -15.68 1.16 -10.63
N ILE C 11 -15.19 0.29 -9.75
CA ILE C 11 -16.05 -0.46 -8.84
C ILE C 11 -15.60 -0.18 -7.41
N ILE C 12 -16.54 0.27 -6.58
CA ILE C 12 -16.26 0.54 -5.19
C ILE C 12 -17.16 -0.33 -4.34
N PHE C 13 -16.55 -1.18 -3.50
CA PHE C 13 -17.32 -1.97 -2.54
C PHE C 13 -17.60 -1.05 -1.35
N VAL C 14 -18.87 -0.94 -0.96
CA VAL C 14 -19.20 -0.20 0.23
C VAL C 14 -19.58 -1.26 1.29
N VAL C 15 -18.77 -1.37 2.35
CA VAL C 15 -18.86 -2.43 3.38
C VAL C 15 -19.09 -1.83 4.78
N GLY C 16 -19.96 -2.47 5.57
CA GLY C 16 -20.32 -1.96 6.90
C GLY C 16 -21.46 -2.71 7.55
N GLY C 17 -21.61 -2.55 8.86
CA GLY C 17 -22.60 -3.34 9.57
C GLY C 17 -24.04 -3.01 9.27
N PRO C 18 -24.96 -3.82 9.81
CA PRO C 18 -26.38 -3.51 9.60
C PRO C 18 -26.79 -2.18 10.27
N GLY C 19 -27.27 -1.26 9.47
CA GLY C 19 -27.65 0.09 9.92
C GLY C 19 -26.48 1.06 10.09
N SER C 20 -25.31 0.69 9.57
CA SER C 20 -24.13 1.57 9.62
C SER C 20 -24.31 2.85 8.80
N GLY C 21 -25.27 2.85 7.87
CA GLY C 21 -25.56 4.01 6.99
C GLY C 21 -25.11 3.96 5.53
N LYS C 22 -24.85 2.78 5.02
CA LYS C 22 -24.36 2.62 3.65
C LYS C 22 -25.32 3.17 2.59
N GLY C 23 -26.60 2.80 2.65
CA GLY C 23 -27.56 3.32 1.65
C GLY C 23 -27.63 4.83 1.65
N THR C 24 -27.75 5.40 2.86
CA THR C 24 -27.80 6.84 3.10
C THR C 24 -26.59 7.56 2.50
N GLN C 25 -25.38 7.04 2.72
CA GLN C 25 -24.16 7.67 2.14
C GLN C 25 -24.05 7.44 0.63
N CYS C 26 -24.40 6.25 0.15
CA CYS C 26 -24.43 6.02 -1.29
C CYS C 26 -25.35 6.96 -2.06
N GLU C 27 -26.48 7.36 -1.52
CA GLU C 27 -27.33 8.32 -2.27
C GLU C 27 -26.66 9.68 -2.40
N LYS C 28 -25.95 10.12 -1.36
CA LYS C 28 -25.23 11.39 -1.38
C LYS C 28 -24.10 11.36 -2.42
N ILE C 29 -23.46 10.20 -2.56
CA ILE C 29 -22.41 9.94 -3.57
C ILE C 29 -23.03 9.98 -4.95
N VAL C 30 -24.16 9.28 -5.12
CA VAL C 30 -24.86 9.28 -6.42
C VAL C 30 -25.14 10.73 -6.82
N GLN C 31 -25.69 11.52 -5.90
CA GLN C 31 -26.03 12.92 -6.16
C GLN C 31 -24.82 13.79 -6.53
N LYS C 32 -23.70 13.61 -5.82
CA LYS C 32 -22.55 14.49 -6.03
C LYS C 32 -21.68 14.06 -7.21
N TYR C 33 -21.46 12.75 -7.35
CA TYR C 33 -20.48 12.16 -8.28
C TYR C 33 -21.12 11.41 -9.46
N GLY C 34 -22.43 11.17 -9.41
CA GLY C 34 -23.13 10.52 -10.53
C GLY C 34 -22.87 9.04 -10.77
N TYR C 35 -22.42 8.33 -9.73
CA TYR C 35 -22.25 6.91 -9.79
C TYR C 35 -23.60 6.16 -9.74
N THR C 36 -23.53 4.88 -10.08
CA THR C 36 -24.67 3.97 -10.03
C THR C 36 -24.66 3.19 -8.73
N HIS C 37 -25.72 3.28 -7.92
CA HIS C 37 -25.77 2.59 -6.61
C HIS C 37 -26.51 1.28 -6.79
N LEU C 38 -25.91 0.16 -6.40
CA LEU C 38 -26.64 -1.11 -6.33
C LEU C 38 -26.55 -1.71 -4.93
N SER C 39 -27.68 -2.00 -4.30
CA SER C 39 -27.76 -2.73 -3.03
C SER C 39 -28.31 -4.14 -3.22
N THR C 40 -27.54 -5.16 -2.85
CA THR C 40 -28.04 -6.53 -2.98
C THR C 40 -29.29 -6.78 -2.11
N GLY C 41 -29.38 -6.15 -0.93
CA GLY C 41 -30.65 -6.15 -0.16
C GLY C 41 -31.83 -5.63 -0.95
N ASP C 42 -31.68 -4.48 -1.63
CA ASP C 42 -32.76 -3.94 -2.45
C ASP C 42 -33.16 -4.89 -3.58
N LEU C 43 -32.16 -5.45 -4.24
CA LEU C 43 -32.38 -6.42 -5.30
C LEU C 43 -33.14 -7.62 -4.81
N LEU C 44 -32.73 -8.15 -3.67
CA LEU C 44 -33.41 -9.32 -3.12
C LEU C 44 -34.85 -8.98 -2.69
N ARG C 45 -35.04 -7.83 -2.06
CA ARG C 45 -36.36 -7.41 -1.61
C ARG C 45 -37.27 -7.15 -2.82
N SER C 46 -36.72 -6.67 -3.94
CA SER C 46 -37.52 -6.53 -5.17
C SER C 46 -38.03 -7.91 -5.63
N GLU C 47 -37.16 -8.92 -5.61
CA GLU C 47 -37.60 -10.27 -5.97
C GLU C 47 -38.71 -10.79 -5.04
N VAL C 48 -38.58 -10.55 -3.73
CA VAL C 48 -39.67 -10.92 -2.80
C VAL C 48 -40.97 -10.22 -3.22
N SER C 49 -40.90 -8.92 -3.49
CA SER C 49 -42.06 -8.14 -3.93
C SER C 49 -42.80 -8.72 -5.13
N SER C 50 -42.09 -9.36 -6.06
CA SER C 50 -42.75 -9.98 -7.23
C SER C 50 -43.79 -11.05 -6.89
N GLY C 51 -43.73 -11.58 -5.67
CA GLY C 51 -44.62 -12.67 -5.26
C GLY C 51 -44.16 -14.06 -5.69
N SER C 52 -42.97 -14.19 -6.29
CA SER C 52 -42.49 -15.51 -6.76
C SER C 52 -42.24 -16.49 -5.59
N ALA C 53 -42.27 -17.79 -5.88
CA ALA C 53 -41.96 -18.81 -4.86
C ALA C 53 -40.53 -18.69 -4.37
N ARG C 54 -39.61 -18.45 -5.31
CA ARG C 54 -38.19 -18.27 -4.97
C ARG C 54 -38.01 -17.03 -4.11
N GLY C 55 -38.78 -15.98 -4.38
CA GLY C 55 -38.86 -14.81 -3.51
C GLY C 55 -39.29 -15.15 -2.08
N LYS C 56 -40.29 -16.00 -1.97
CA LYS C 56 -40.79 -16.44 -0.67
C LYS C 56 -39.67 -17.11 0.16
N LYS C 57 -38.92 -18.03 -0.47
CA LYS C 57 -37.79 -18.70 0.19
C LYS C 57 -36.64 -17.75 0.56
N LEU C 58 -36.37 -16.75 -0.29
CA LEU C 58 -35.37 -15.74 0.04
C LEU C 58 -35.79 -14.96 1.27
N SER C 59 -37.09 -14.64 1.37
CA SER C 59 -37.60 -13.80 2.44
C SER C 59 -37.39 -14.50 3.77
N GLU C 60 -37.68 -15.79 3.80
CA GLU C 60 -37.51 -16.61 5.01
C GLU C 60 -36.09 -16.57 5.59
N ILE C 61 -35.09 -16.63 4.71
CA ILE C 61 -33.66 -16.53 5.08
C ILE C 61 -33.32 -15.12 5.60
N MET C 62 -33.76 -14.12 4.87
CA MET C 62 -33.57 -12.73 5.27
C MET C 62 -34.22 -12.43 6.62
N GLU C 63 -35.39 -13.01 6.86
CA GLU C 63 -36.08 -12.82 8.14
C GLU C 63 -35.32 -13.45 9.34
N LYS C 64 -34.36 -14.35 9.07
CA LYS C 64 -33.52 -14.95 10.11
C LYS C 64 -32.16 -14.24 10.28
N GLY C 65 -31.89 -13.19 9.53
CA GLY C 65 -30.60 -12.51 9.64
C GLY C 65 -29.42 -13.17 8.94
N GLN C 66 -29.71 -14.10 8.03
CA GLN C 66 -28.70 -14.93 7.37
C GLN C 66 -28.45 -14.58 5.91
N LEU C 67 -27.33 -15.07 5.42
CA LEU C 67 -26.94 -14.84 4.03
C LEU C 67 -27.69 -15.76 3.06
N VAL C 68 -28.22 -15.18 1.99
CA VAL C 68 -28.76 -16.03 0.91
C VAL C 68 -27.58 -16.65 0.13
N PRO C 69 -27.84 -17.72 -0.64
CA PRO C 69 -26.84 -18.38 -1.47
C PRO C 69 -26.08 -17.46 -2.39
N LEU C 70 -24.78 -17.70 -2.45
CA LEU C 70 -23.85 -16.85 -3.18
C LEU C 70 -24.24 -16.72 -4.65
N GLU C 71 -24.54 -17.84 -5.30
CA GLU C 71 -24.79 -17.81 -6.77
C GLU C 71 -26.01 -16.98 -7.08
N THR C 72 -27.04 -17.10 -6.24
CA THR C 72 -28.30 -16.39 -6.47
C THR C 72 -28.10 -14.88 -6.40
N VAL C 73 -27.37 -14.45 -5.38
CA VAL C 73 -27.19 -13.04 -5.17
C VAL C 73 -26.18 -12.44 -6.17
N LEU C 74 -25.11 -13.18 -6.45
CA LEU C 74 -24.14 -12.74 -7.49
C LEU C 74 -24.77 -12.61 -8.88
N ASP C 75 -25.54 -13.61 -9.30
CA ASP C 75 -26.24 -13.45 -10.59
C ASP C 75 -27.19 -12.24 -10.71
N MET C 76 -27.96 -11.98 -9.66
CA MET C 76 -28.82 -10.81 -9.59
C MET C 76 -28.04 -9.50 -9.71
N LEU C 77 -26.95 -9.44 -8.94
CA LEU C 77 -26.05 -8.30 -8.93
C LEU C 77 -25.44 -8.09 -10.31
N ARG C 78 -24.88 -9.13 -10.87
CA ARG C 78 -24.23 -8.99 -12.18
C ARG C 78 -25.22 -8.54 -13.27
N ASP C 79 -26.45 -9.08 -13.25
CA ASP C 79 -27.47 -8.62 -14.21
C ASP C 79 -27.72 -7.12 -14.16
N ALA C 80 -27.79 -6.64 -12.93
CA ALA C 80 -28.04 -5.23 -12.68
C ALA C 80 -26.87 -4.36 -13.20
N MET C 81 -25.64 -4.82 -13.04
CA MET C 81 -24.45 -4.14 -13.58
C MET C 81 -24.45 -4.13 -15.09
N VAL C 82 -24.77 -5.27 -15.69
CA VAL C 82 -24.80 -5.39 -17.14
C VAL C 82 -25.83 -4.40 -17.74
N ALA C 83 -26.95 -4.21 -17.04
CA ALA C 83 -28.02 -3.32 -17.49
C ALA C 83 -27.64 -1.82 -17.48
N LYS C 84 -26.71 -1.40 -16.62
CA LYS C 84 -26.37 0.03 -16.55
C LYS C 84 -24.95 0.38 -17.02
N VAL C 85 -24.14 -0.62 -17.40
CA VAL C 85 -22.72 -0.35 -17.65
C VAL C 85 -22.43 0.58 -18.85
N ASN C 86 -23.23 0.45 -19.91
CA ASN C 86 -23.09 1.29 -21.10
C ASN C 86 -23.21 2.81 -20.84
N THR C 87 -23.92 3.18 -19.78
CA THR C 87 -24.12 4.58 -19.41
C THR C 87 -23.52 4.99 -18.06
N SER C 88 -23.05 4.03 -17.26
CA SER C 88 -22.61 4.31 -15.90
C SER C 88 -21.25 5.03 -15.85
N LYS C 89 -21.10 5.98 -14.91
CA LYS C 89 -19.79 6.57 -14.59
C LYS C 89 -18.96 5.70 -13.64
N GLY C 90 -19.56 4.68 -13.06
CA GLY C 90 -18.91 3.94 -11.99
C GLY C 90 -19.97 3.36 -11.08
N PHE C 91 -19.60 2.31 -10.35
CA PHE C 91 -20.56 1.56 -9.52
C PHE C 91 -20.21 1.61 -8.06
N LEU C 92 -21.23 1.74 -7.20
CA LEU C 92 -21.13 1.56 -5.77
C LEU C 92 -21.84 0.24 -5.43
N ILE C 93 -21.10 -0.73 -4.95
CA ILE C 93 -21.68 -2.02 -4.62
C ILE C 93 -21.85 -2.07 -3.12
N ASP C 94 -23.11 -2.00 -2.70
CA ASP C 94 -23.52 -1.85 -1.30
C ASP C 94 -24.02 -3.20 -0.73
N GLY C 95 -23.28 -3.75 0.22
CA GLY C 95 -23.69 -4.97 0.93
C GLY C 95 -23.33 -6.28 0.21
N TYR C 96 -22.45 -6.19 -0.80
CA TYR C 96 -21.80 -7.37 -1.41
C TYR C 96 -20.36 -6.90 -1.63
N PRO C 97 -19.33 -7.73 -1.24
CA PRO C 97 -19.39 -9.07 -0.67
C PRO C 97 -19.58 -9.15 0.82
N ARG C 98 -20.33 -10.17 1.26
CA ARG C 98 -20.57 -10.40 2.69
C ARG C 98 -19.66 -11.48 3.27
N GLU C 99 -18.82 -12.08 2.44
CA GLU C 99 -17.85 -13.07 2.91
C GLU C 99 -16.75 -13.09 1.84
N VAL C 100 -15.58 -13.64 2.20
CA VAL C 100 -14.40 -13.65 1.33
C VAL C 100 -14.69 -14.36 0.00
N GLN C 101 -15.32 -15.53 0.05
CA GLN C 101 -15.66 -16.22 -1.20
C GLN C 101 -16.57 -15.46 -2.14
N GLN C 102 -17.48 -14.66 -1.59
CA GLN C 102 -18.24 -13.72 -2.43
C GLN C 102 -17.37 -12.71 -3.20
N GLY C 103 -16.32 -12.22 -2.54
CA GLY C 103 -15.39 -11.28 -3.19
C GLY C 103 -14.62 -11.94 -4.31
N GLU C 104 -14.08 -13.13 -4.05
CA GLU C 104 -13.33 -13.89 -5.02
C GLU C 104 -14.15 -14.16 -6.28
N GLU C 105 -15.37 -14.66 -6.11
CA GLU C 105 -16.19 -15.03 -7.27
C GLU C 105 -16.63 -13.80 -8.05
N PHE C 106 -16.89 -12.70 -7.36
CA PHE C 106 -17.16 -11.40 -8.02
C PHE C 106 -15.99 -10.92 -8.92
N GLU C 107 -14.77 -10.94 -8.38
CA GLU C 107 -13.57 -10.56 -9.17
C GLU C 107 -13.33 -11.50 -10.38
N ARG C 108 -13.56 -12.80 -10.20
CA ARG C 108 -13.38 -13.77 -11.30
C ARG C 108 -14.40 -13.52 -12.41
N ARG C 109 -15.64 -13.17 -12.07
CA ARG C 109 -16.70 -13.06 -13.07
C ARG C 109 -17.07 -11.64 -13.48
N ILE C 110 -16.60 -10.63 -12.74
CA ILE C 110 -16.89 -9.26 -13.09
C ILE C 110 -15.57 -8.44 -13.18
N GLY C 111 -14.98 -8.08 -12.05
CA GLY C 111 -13.69 -7.40 -12.06
C GLY C 111 -13.28 -7.02 -10.65
N GLN C 112 -12.07 -6.54 -10.51
CA GLN C 112 -11.57 -6.32 -9.16
C GLN C 112 -12.01 -4.91 -8.71
N PRO C 113 -12.27 -4.73 -7.41
CA PRO C 113 -12.58 -3.39 -6.92
C PRO C 113 -11.40 -2.38 -7.01
N THR C 114 -11.74 -1.13 -7.25
CA THR C 114 -10.78 -0.02 -7.23
C THR C 114 -10.64 0.54 -5.82
N LEU C 115 -11.72 0.47 -5.06
CA LEU C 115 -11.76 1.02 -3.71
C LEU C 115 -12.72 0.22 -2.83
N LEU C 116 -12.42 0.15 -1.53
CA LEU C 116 -13.37 -0.37 -0.53
C LEU C 116 -13.64 0.71 0.52
N LEU C 117 -14.88 1.18 0.54
CA LEU C 117 -15.31 2.19 1.51
C LEU C 117 -15.88 1.47 2.74
N TYR C 118 -15.20 1.64 3.86
CA TYR C 118 -15.53 0.92 5.09
C TYR C 118 -16.29 1.91 6.00
N VAL C 119 -17.60 1.69 6.12
CA VAL C 119 -18.48 2.53 6.89
C VAL C 119 -18.56 1.93 8.30
N ASP C 120 -17.76 2.50 9.20
CA ASP C 120 -17.58 1.91 10.54
C ASP C 120 -18.41 2.57 11.68
N ALA C 121 -19.48 1.89 12.07
CA ALA C 121 -20.35 2.34 13.17
C ALA C 121 -20.26 1.32 14.29
N GLY C 122 -20.57 1.75 15.51
CA GLY C 122 -20.61 0.83 16.66
C GLY C 122 -21.94 0.09 16.74
N PRO C 123 -21.97 -1.06 17.41
CA PRO C 123 -23.20 -1.86 17.50
C PRO C 123 -24.39 -1.17 18.21
N GLU C 124 -24.17 -0.39 19.26
CA GLU C 124 -25.31 0.26 19.91
C GLU C 124 -25.95 1.29 18.95
N THR C 125 -25.11 1.99 18.20
CA THR C 125 -25.57 2.97 17.25
C THR C 125 -26.40 2.31 16.16
N MET C 126 -25.91 1.18 15.64
CA MET C 126 -26.61 0.44 14.57
C MET C 126 -27.95 -0.10 15.09
N THR C 127 -27.92 -0.73 16.25
CA THR C 127 -29.13 -1.22 16.88
C THR C 127 -30.18 -0.11 17.07
N GLN C 128 -29.76 1.07 17.53
CA GLN C 128 -30.72 2.16 17.76
C GLN C 128 -31.37 2.65 16.45
N ARG C 129 -30.56 2.76 15.41
CA ARG C 129 -31.04 3.23 14.10
C ARG C 129 -32.06 2.27 13.50
N LEU C 130 -31.79 0.97 13.63
CA LEU C 130 -32.65 -0.05 13.07
C LEU C 130 -33.96 -0.14 13.86
N LEU C 131 -33.90 0.04 15.17
CA LEU C 131 -35.12 -0.01 15.98
C LEU C 131 -36.04 1.15 15.63
N LYS C 132 -35.47 2.35 15.43
CA LYS C 132 -36.25 3.53 14.97
C LYS C 132 -36.94 3.24 13.64
N ARG C 133 -36.18 2.74 12.68
CA ARG C 133 -36.74 2.42 11.38
C ARG C 133 -37.86 1.36 11.50
N GLY C 134 -37.68 0.39 12.38
CA GLY C 134 -38.69 -0.64 12.61
C GLY C 134 -40.04 -0.06 13.00
N GLU C 135 -40.05 1.11 13.64
CA GLU C 135 -41.32 1.72 14.07
C GLU C 135 -42.13 2.20 12.88
N THR C 136 -41.45 2.84 11.92
CA THR C 136 -42.09 3.40 10.74
C THR C 136 -41.67 2.57 9.52
N SER C 137 -42.33 1.44 9.32
CA SER C 137 -41.86 0.46 8.33
C SER C 137 -43.01 -0.38 7.72
N GLY C 138 -42.74 -1.15 6.66
CA GLY C 138 -41.45 -1.28 5.99
C GLY C 138 -40.83 -2.68 6.11
N ARG C 139 -39.55 -2.71 6.45
CA ARG C 139 -38.78 -3.94 6.38
C ARG C 139 -39.16 -4.96 7.44
N VAL C 140 -39.13 -6.21 7.01
CA VAL C 140 -39.51 -7.35 7.82
C VAL C 140 -38.34 -7.86 8.70
N ASP C 141 -37.16 -7.25 8.59
CA ASP C 141 -35.99 -7.75 9.33
C ASP C 141 -35.49 -6.79 10.45
N ASP C 142 -36.24 -5.73 10.74
CA ASP C 142 -35.82 -4.71 11.71
C ASP C 142 -36.31 -4.92 13.15
N ASN C 143 -36.70 -6.13 13.51
CA ASN C 143 -37.08 -6.43 14.91
C ASN C 143 -35.86 -6.79 15.75
N GLU C 144 -36.01 -6.64 17.07
CA GLU C 144 -34.88 -6.78 18.00
CA GLU C 144 -34.95 -6.84 18.08
C GLU C 144 -34.09 -8.07 17.81
N GLU C 145 -34.80 -9.19 17.73
CA GLU C 145 -34.15 -10.49 17.60
C GLU C 145 -33.40 -10.64 16.27
N THR C 146 -33.94 -10.07 15.18
CA THR C 146 -33.30 -10.24 13.89
C THR C 146 -32.12 -9.26 13.77
N ILE C 147 -32.22 -8.10 14.40
CA ILE C 147 -31.08 -7.16 14.47
C ILE C 147 -29.87 -7.84 15.13
N LYS C 148 -30.10 -8.59 16.20
CA LYS C 148 -29.02 -9.35 16.86
C LYS C 148 -28.37 -10.40 15.97
N LYS C 149 -29.17 -11.17 15.23
CA LYS C 149 -28.65 -12.17 14.32
C LYS C 149 -27.92 -11.53 13.15
N ARG C 150 -28.42 -10.39 12.67
CA ARG C 150 -27.75 -9.64 11.61
C ARG C 150 -26.37 -9.14 12.04
N LEU C 151 -26.25 -8.69 13.28
CA LEU C 151 -24.96 -8.22 13.79
C LEU C 151 -23.99 -9.41 13.89
N GLU C 152 -24.45 -10.55 14.39
CA GLU C 152 -23.59 -11.72 14.50
C GLU C 152 -23.04 -12.19 13.14
N THR C 153 -23.90 -12.27 12.13
CA THR C 153 -23.48 -12.58 10.77
C THR C 153 -22.47 -11.56 10.25
N TYR C 154 -22.69 -10.30 10.54
CA TYR C 154 -21.78 -9.27 10.04
C TYR C 154 -20.37 -9.49 10.65
N TYR C 155 -20.28 -9.59 11.98
CA TYR C 155 -18.97 -9.73 12.65
C TYR C 155 -18.26 -11.07 12.34
N LYS C 156 -19.02 -12.13 12.12
CA LYS C 156 -18.43 -13.44 11.79
C LYS C 156 -17.98 -13.64 10.32
N ALA C 157 -18.83 -13.27 9.36
CA ALA C 157 -18.59 -13.53 7.95
C ALA C 157 -17.98 -12.33 7.22
N THR C 158 -18.46 -11.13 7.53
CA THR C 158 -18.16 -9.95 6.76
C THR C 158 -16.93 -9.16 7.24
N GLU C 159 -16.75 -9.04 8.55
CA GLU C 159 -15.58 -8.27 8.99
C GLU C 159 -14.24 -8.81 8.40
N PRO C 160 -14.04 -10.16 8.30
CA PRO C 160 -12.90 -10.71 7.58
C PRO C 160 -12.67 -10.22 6.15
N VAL C 161 -13.69 -9.69 5.47
CA VAL C 161 -13.53 -9.11 4.15
C VAL C 161 -12.66 -7.85 4.19
N ILE C 162 -12.75 -7.09 5.27
CA ILE C 162 -11.92 -5.87 5.42
C ILE C 162 -10.45 -6.21 5.40
N ALA C 163 -10.07 -7.15 6.26
CA ALA C 163 -8.68 -7.59 6.34
C ALA C 163 -8.18 -8.14 5.02
N PHE C 164 -9.08 -8.86 4.35
CA PHE C 164 -8.79 -9.45 3.04
C PHE C 164 -8.40 -8.37 2.00
N TYR C 165 -9.07 -7.23 1.99
CA TYR C 165 -8.78 -6.19 0.98
C TYR C 165 -7.79 -5.10 1.45
N GLU C 166 -7.59 -4.96 2.77
CA GLU C 166 -6.63 -3.98 3.35
C GLU C 166 -5.26 -4.22 2.81
N LYS C 167 -4.89 -5.51 2.75
CA LYS C 167 -3.67 -5.98 2.11
C LYS C 167 -3.31 -5.26 0.79
N ARG C 168 -4.32 -5.05 -0.05
CA ARG C 168 -4.11 -4.48 -1.37
C ARG C 168 -4.06 -2.95 -1.40
N GLY C 169 -4.21 -2.31 -0.24
CA GLY C 169 -4.09 -0.86 -0.14
C GLY C 169 -5.34 -0.07 -0.48
N ILE C 170 -6.46 -0.75 -0.74
CA ILE C 170 -7.66 -0.10 -1.29
C ILE C 170 -8.74 0.29 -0.27
N VAL C 171 -8.55 -0.01 1.01
CA VAL C 171 -9.54 0.32 2.03
C VAL C 171 -9.46 1.80 2.47
N ARG C 172 -10.61 2.45 2.51
CA ARG C 172 -10.72 3.81 3.06
C ARG C 172 -11.79 3.82 4.13
N LYS C 173 -11.46 4.24 5.32
CA LYS C 173 -12.36 4.05 6.47
C LYS C 173 -13.00 5.36 6.88
N VAL C 174 -14.28 5.30 7.22
CA VAL C 174 -15.00 6.46 7.74
C VAL C 174 -15.70 6.13 9.05
N ASN C 175 -15.54 7.02 10.02
CA ASN C 175 -16.28 6.95 11.26
C ASN C 175 -17.74 7.25 10.95
N ALA C 176 -18.60 6.24 11.07
CA ALA C 176 -20.01 6.35 10.66
C ALA C 176 -20.94 6.80 11.79
N GLU C 177 -20.35 7.20 12.91
CA GLU C 177 -21.06 7.82 14.02
C GLU C 177 -21.18 9.30 13.72
N GLY C 178 -22.28 9.91 14.14
CA GLY C 178 -22.47 11.33 13.95
C GLY C 178 -23.49 11.59 12.86
N SER C 179 -23.61 12.85 12.48
CA SER C 179 -24.62 13.27 11.52
C SER C 179 -24.31 12.80 10.09
N VAL C 180 -25.34 12.75 9.26
CA VAL C 180 -25.20 12.33 7.86
C VAL C 180 -24.13 13.16 7.12
N ASP C 181 -24.13 14.48 7.34
CA ASP C 181 -23.22 15.36 6.61
C ASP C 181 -21.81 15.28 7.19
N SER C 182 -21.69 14.99 8.48
CA SER C 182 -20.35 14.79 9.08
C SER C 182 -19.72 13.54 8.49
N VAL C 183 -20.52 12.50 8.34
CA VAL C 183 -20.05 11.26 7.72
C VAL C 183 -19.70 11.46 6.25
N PHE C 184 -20.58 12.13 5.51
CA PHE C 184 -20.35 12.38 4.07
C PHE C 184 -19.12 13.25 3.81
N SER C 185 -18.85 14.22 4.70
CA SER C 185 -17.62 14.97 4.60
C SER C 185 -16.39 14.07 4.46
N GLN C 186 -16.32 13.03 5.29
CA GLN C 186 -15.20 12.08 5.28
C GLN C 186 -15.17 11.27 3.99
N VAL C 187 -16.34 10.77 3.58
CA VAL C 187 -16.51 10.10 2.31
C VAL C 187 -16.02 10.95 1.10
N CYS C 188 -16.33 12.25 1.09
CA CYS C 188 -15.87 13.09 -0.02
C CYS C 188 -14.36 13.18 -0.07
N THR C 189 -13.72 13.27 1.09
CA THR C 189 -12.26 13.34 1.12
C THR C 189 -11.65 12.15 0.37
N HIS C 190 -12.15 10.96 0.64
CA HIS C 190 -11.64 9.74 -0.03
C HIS C 190 -11.94 9.68 -1.51
N LEU C 191 -13.17 10.00 -1.86
CA LEU C 191 -13.60 9.91 -3.26
C LEU C 191 -12.92 10.97 -4.13
N ASP C 192 -12.69 12.16 -3.60
CA ASP C 192 -11.98 13.22 -4.34
C ASP C 192 -10.54 12.79 -4.64
N ALA C 193 -9.92 12.09 -3.70
CA ALA C 193 -8.54 11.63 -3.85
C ALA C 193 -8.43 10.58 -4.96
N LEU C 194 -9.43 9.74 -5.06
CA LEU C 194 -9.49 8.69 -6.07
C LEU C 194 -9.71 9.23 -7.49
N LEU C 195 -10.49 10.30 -7.64
CA LEU C 195 -10.99 10.74 -8.95
C LEU C 195 -10.28 11.96 -9.59
#